data_6PNK
#
_entry.id   6PNK
#
_cell.length_a   60.930
_cell.length_b   60.930
_cell.length_c   194.342
_cell.angle_alpha   90.000
_cell.angle_beta   90.000
_cell.angle_gamma   120.000
#
_symmetry.space_group_name_H-M   'H 3 2'
#
loop_
_entity.id
_entity.type
_entity.pdbx_description
1 polymer "DNA (5'-D(P*GP*GP*GP*TP*TP*GP*GP*GP*TP*TP*GP*GP*GP*TP*TP*GP*GP*G)-3')"
2 non-polymer 'POTASSIUM ION'
3 non-polymer N-METHYLMESOPORPHYRIN
4 non-polymer 'FORMIC ACID'
5 non-polymer 'SODIUM ION'
#
_entity_poly.entity_id   1
_entity_poly.type   'polydeoxyribonucleotide'
_entity_poly.pdbx_seq_one_letter_code
;(DG)(DG)(DG)(DT)(DT)(DG)(DG)(DG)(DT)(DT)(DG)(DG)(DG)(DT)(DT)(DG)(DG)(DG)
;
_entity_poly.pdbx_strand_id   A,B
#
loop_
_chem_comp.id
_chem_comp.type
_chem_comp.name
_chem_comp.formula
DG DNA linking 2'-DEOXYGUANOSINE-5'-MONOPHOSPHATE 'C10 H14 N5 O7 P'
DT DNA linking THYMIDINE-5'-MONOPHOSPHATE 'C10 H15 N2 O8 P'
FMT non-polymer 'FORMIC ACID' 'C H2 O2'
K non-polymer 'POTASSIUM ION' 'K 1'
MMP non-polymer N-METHYLMESOPORPHYRIN 'C35 H40 N4 O4'
NA non-polymer 'SODIUM ION' 'Na 1'
#
# COMPACT_ATOMS: atom_id res chain seq x y z
K K C . -6.75 24.46 3.06
K K D . -7.52 22.99 0.39
K K E . -5.90 25.98 5.77
C1 MMP F . -9.34 22.21 -3.85
N1 MMP F . -9.64 23.10 -4.87
C11 MMP F . -10.92 23.38 -5.14
C12 MMP F . -10.90 24.33 -6.17
C13 MMP F . -9.55 24.60 -6.51
C14 MMP F . -8.74 23.82 -5.69
C15 MMP F . -7.15 23.70 -5.62
C16 MMP F . -12.14 24.94 -6.82
C17 MMP F . -9.14 25.61 -7.60
C18 MMP F . -7.92 25.20 -8.44
N2 MMP F . -6.90 21.29 -4.28
C21 MMP F . -6.52 22.23 -5.37
C22 MMP F . -5.42 21.49 -6.07
C23 MMP F . -5.08 20.24 -5.62
C24 MMP F . -5.78 19.73 -4.52
C25 MMP F . -5.71 18.37 -3.69
C26 MMP F . -4.74 22.12 -7.27
C27 MMP F . -3.99 19.39 -6.29
C28 MMP F . -4.67 18.22 -7.03
N3 MMP F . -8.36 18.39 -3.09
C31 MMP F . -7.13 17.84 -3.10
C32 MMP F . -7.20 16.57 -2.47
C33 MMP F . -8.51 16.35 -2.07
C34 MMP F . -9.25 17.45 -2.43
C35 MMP F . -10.82 17.50 -2.10
C36 MMP F . -6.03 15.59 -2.27
C37 MMP F . -9.05 15.09 -1.33
N4 MMP F . -10.76 19.88 -3.26
C41 MMP F . -11.49 18.80 -2.61
C42 MMP F . -12.94 19.22 -2.58
C43 MMP F . -13.26 20.43 -3.09
C44 MMP F . -12.20 21.18 -3.62
C45 MMP F . -11.99 22.60 -4.33
C46 MMP F . -14.70 20.97 -3.11
C47 MMP F . -14.01 18.29 -1.96
K K G . -0.92 -10.81 1.59
K K H . -7.13 -11.14 -0.33
K K I . -4.03 -10.84 0.65
C1 MMP J . 2.53 -10.91 3.26
C1 MMP J . 3.53 -8.93 0.83
N1 MMP J . 3.06 -11.30 4.53
N1 MMP J . 4.76 -8.50 0.27
C11 MMP J . 3.51 -12.54 4.73
C11 MMP J . 5.22 -7.29 0.49
C12 MMP J . 3.95 -12.66 6.05
C12 MMP J . 6.45 -7.13 -0.19
C13 MMP J . 3.69 -11.44 6.67
C13 MMP J . 6.67 -8.31 -0.89
C14 MMP J . 3.14 -10.59 5.75
C14 MMP J . 5.63 -9.17 -0.62
C15 MMP J . 2.71 -9.12 6.03
C15 MMP J . 5.47 -10.63 -1.18
C16 MMP J . 4.55 -13.90 6.71
C16 MMP J . 7.35 -5.89 -0.18
C17 MMP J . 3.97 -11.10 8.14
C17 MMP J . 7.88 -8.60 -1.81
C18 MMP J . 2.82 -11.62 9.01
C18 MMP J . 7.49 -8.40 -3.29
N2 MMP J . 3.77 -8.44 3.54
N2 MMP J . 4.83 -11.37 1.45
C21 MMP J . 3.23 -8.11 4.89
C21 MMP J . 5.16 -11.68 0.01
C22 MMP J . 3.27 -6.62 4.99
C22 MMP J . 5.13 -13.16 -0.09
C23 MMP J . 3.74 -5.93 3.91
C23 MMP J . 4.82 -13.88 1.02
C24 MMP J . 4.15 -6.68 2.80
C24 MMP J . 4.56 -13.15 2.19
C25 MMP J . 4.74 -6.27 1.37
C25 MMP J . 4.18 -13.66 3.65
C26 MMP J . 2.81 -5.91 6.25
C26 MMP J . 5.43 -13.85 -1.42
C27 MMP J . 3.81 -4.40 3.92
C27 MMP J . 4.77 -15.42 1.00
C28 MMP J . 5.23 -3.96 4.33
C28 MMP J . 5.98 -15.98 1.73
N3 MMP J . 4.98 -8.82 0.48
N3 MMP J . 3.64 -11.17 4.56
C31 MMP J . 5.24 -7.48 0.44
C31 MMP J . 3.87 -12.50 4.72
C32 MMP J . 6.10 -7.26 -0.68
C32 MMP J . 3.81 -12.79 6.11
C33 MMP J . 6.36 -8.47 -1.30
C33 MMP J . 3.53 -11.60 6.78
C34 MMP J . 5.69 -9.45 -0.61
C34 MMP J . 3.43 -10.60 5.87
C35 MMP J . 5.78 -11.00 -1.06
C35 MMP J . 3.12 -9.09 6.30
C36 MMP J . 6.65 -5.87 -1.11
C36 MMP J . 4.01 -14.18 6.73
C37 MMP J . 7.26 -8.70 -2.55
C37 MMP J . 3.37 -11.45 8.32
N4 MMP J . 4.64 -11.59 1.29
N4 MMP J . 3.81 -8.41 3.79
C41 MMP J . 5.29 -12.00 0.03
C41 MMP J . 3.43 -8.06 5.17
C42 MMP J . 5.35 -13.51 0.05
C42 MMP J . 3.43 -6.55 5.26
C43 MMP J . 4.84 -14.17 1.13
C43 MMP J . 3.75 -5.85 4.14
C44 MMP J . 4.28 -13.34 2.11
C44 MMP J . 4.02 -6.61 3.00
C45 MMP J . 3.61 -13.50 3.53
C45 MMP J . 4.46 -6.39 1.50
C46 MMP J . 4.84 -15.70 1.26
C46 MMP J . 3.78 -4.31 4.11
C47 MMP J . 5.97 -14.29 -1.12
C47 MMP J . 3.09 -5.85 6.58
C FMT K . 5.72 -15.07 -10.73
O1 FMT K . 6.23 -13.98 -10.46
O2 FMT K . 6.33 -16.13 -10.76
NA NA L . 6.52 -18.50 -9.57
#